data_1QN7
#
_entry.id   1QN7
#
_cell.length_a   41.800
_cell.length_b   146.700
_cell.length_c   57.400
_cell.angle_alpha   90.00
_cell.angle_beta   90.50
_cell.angle_gamma   90.00
#
_symmetry.space_group_name_H-M   'P 1 21 1'
#
loop_
_entity.id
_entity.type
_entity.pdbx_description
1 polymer 'TRANSCRIPTION INITIATION FACTOR TFIID-1'
2 polymer "DNA (5'-D(*GP*CP*TP*AP*TP*AP*TP*AP*AP*GP*GP*GP*CP*A)-3')"
3 polymer "DNA (5'-D(*TP*GP*CP*CP*CP*TP*TP*AP*TP*AP*TP*AP*GP*C)-3')"
4 water water
#
loop_
_entity_poly.entity_id
_entity_poly.type
_entity_poly.pdbx_seq_one_letter_code
_entity_poly.pdbx_strand_id
1 'polypeptide(L)'
;MTDQGLEGSNPVDLSKHPSGIVPTLQNIVSTVNLDCKLDLKAIALQARNAEYNPKRFAAVIMRIREPKTTALIFASGKMV
CTGAKSEDFSKMAARKYARIVQKLGFPAKFKDFKIQNIVGSCDVKFPIRLEGLAYSHAAFSSYEPELFPGLIYRMKVPKI
VLLIFVSGKIVITGAKMRDETYKAFENIYPVLSEFRKIQQ
;
A,B
2 'polydeoxyribonucleotide' (DG)(DC)(DT)(DA)(DT)(DA)(DT)(DA)(DA)(DG)(DG)(DG)(DC)(DA) C,E
3 'polydeoxyribonucleotide' (DT)(DG)(DC)(DC)(DC)(DT)(DT)(DA)(DT)(DA)(DT)(DA)(DG)(DC) D,F
#
loop_
_chem_comp.id
_chem_comp.type
_chem_comp.name
_chem_comp.formula
DA DNA linking 2'-DEOXYADENOSINE-5'-MONOPHOSPHATE 'C10 H14 N5 O6 P'
DC DNA linking 2'-DEOXYCYTIDINE-5'-MONOPHOSPHATE 'C9 H14 N3 O7 P'
DG DNA linking 2'-DEOXYGUANOSINE-5'-MONOPHOSPHATE 'C10 H14 N5 O7 P'
DT DNA linking THYMIDINE-5'-MONOPHOSPHATE 'C10 H15 N2 O8 P'
#
# COMPACT_ATOMS: atom_id res chain seq x y z
N ASP A 13 -1.09 -3.75 13.42
CA ASP A 13 0.18 -3.01 13.69
C ASP A 13 0.61 -2.19 12.46
N LEU A 14 -0.32 -1.40 11.93
CA LEU A 14 -0.08 -0.57 10.76
C LEU A 14 1.11 0.37 10.88
N SER A 15 1.67 0.51 12.08
CA SER A 15 2.81 1.39 12.29
C SER A 15 4.10 0.73 11.79
N LYS A 16 4.19 -0.59 11.94
CA LYS A 16 5.36 -1.34 11.51
C LYS A 16 5.12 -1.96 10.13
N HIS A 17 3.87 -2.35 9.90
CA HIS A 17 3.48 -2.97 8.66
C HIS A 17 2.35 -2.18 8.03
N PRO A 18 2.68 -1.10 7.32
CA PRO A 18 1.77 -0.19 6.64
C PRO A 18 0.78 -0.85 5.68
N SER A 19 1.17 -1.98 5.09
CA SER A 19 0.31 -2.72 4.18
C SER A 19 -0.75 -3.47 4.98
N GLY A 20 -0.52 -3.60 6.28
CA GLY A 20 -1.44 -4.31 7.14
C GLY A 20 -1.26 -5.80 6.99
N ILE A 21 -0.15 -6.21 6.41
CA ILE A 21 0.15 -7.64 6.22
C ILE A 21 1.53 -7.91 6.77
N VAL A 22 1.67 -9.04 7.44
CA VAL A 22 2.96 -9.46 7.99
C VAL A 22 3.33 -10.81 7.37
N PRO A 23 4.43 -10.86 6.61
CA PRO A 23 4.87 -12.12 5.99
C PRO A 23 5.07 -13.18 7.08
N THR A 24 4.66 -14.40 6.82
CA THR A 24 4.82 -15.49 7.77
C THR A 24 6.18 -16.13 7.57
N LEU A 25 6.90 -16.37 8.66
CA LEU A 25 8.20 -17.00 8.55
C LEU A 25 7.88 -18.47 8.40
N GLN A 26 8.46 -19.10 7.37
CA GLN A 26 8.21 -20.50 7.06
C GLN A 26 9.37 -21.47 7.29
N ASN A 27 10.59 -20.99 7.12
CA ASN A 27 11.76 -21.82 7.26
C ASN A 27 12.95 -20.96 7.60
N ILE A 28 13.79 -21.43 8.52
CA ILE A 28 14.98 -20.70 8.92
C ILE A 28 16.15 -21.67 8.83
N VAL A 29 17.26 -21.20 8.26
CA VAL A 29 18.47 -21.99 8.13
C VAL A 29 19.52 -21.34 9.01
N SER A 30 20.18 -22.14 9.84
CA SER A 30 21.20 -21.62 10.72
C SER A 30 22.40 -22.55 10.78
N THR A 31 23.52 -22.03 11.25
CA THR A 31 24.73 -22.80 11.36
C THR A 31 25.31 -22.51 12.72
N VAL A 32 26.06 -23.47 13.25
CA VAL A 32 26.73 -23.32 14.52
C VAL A 32 27.95 -24.21 14.43
N ASN A 33 28.98 -23.86 15.19
CA ASN A 33 30.25 -24.58 15.21
C ASN A 33 30.29 -25.31 16.53
N LEU A 34 30.23 -26.64 16.49
CA LEU A 34 30.29 -27.43 17.70
C LEU A 34 31.68 -27.36 18.32
N ASP A 35 32.65 -26.97 17.51
CA ASP A 35 34.01 -26.77 17.94
C ASP A 35 34.75 -28.04 18.35
N CYS A 36 34.41 -29.16 17.72
CA CYS A 36 35.08 -30.42 18.01
C CYS A 36 34.87 -31.35 16.85
N LYS A 37 35.91 -32.07 16.46
CA LYS A 37 35.82 -33.02 15.36
C LYS A 37 34.93 -34.14 15.83
N LEU A 38 34.00 -34.56 14.98
CA LEU A 38 33.06 -35.60 15.33
C LEU A 38 33.28 -36.82 14.48
N ASP A 39 33.22 -38.00 15.09
CA ASP A 39 33.38 -39.25 14.36
C ASP A 39 31.97 -39.51 13.88
N LEU A 40 31.73 -39.33 12.59
CA LEU A 40 30.39 -39.51 12.04
C LEU A 40 29.83 -40.92 12.02
N LYS A 41 30.69 -41.91 11.79
CA LYS A 41 30.19 -43.28 11.76
C LYS A 41 29.84 -43.73 13.19
N ALA A 42 30.60 -43.22 14.16
CA ALA A 42 30.34 -43.54 15.55
C ALA A 42 28.99 -42.96 15.91
N ILE A 43 28.74 -41.74 15.46
CA ILE A 43 27.49 -41.05 15.72
C ILE A 43 26.31 -41.73 15.02
N ALA A 44 26.53 -42.17 13.79
CA ALA A 44 25.48 -42.82 13.01
C ALA A 44 25.10 -44.18 13.60
N LEU A 45 26.03 -44.80 14.32
CA LEU A 45 25.79 -46.10 14.93
C LEU A 45 25.08 -45.96 16.27
N GLN A 46 25.48 -44.95 17.04
CA GLN A 46 24.89 -44.69 18.34
C GLN A 46 23.58 -43.90 18.26
N ALA A 47 23.49 -42.96 17.33
CA ALA A 47 22.29 -42.15 17.19
C ALA A 47 21.15 -42.90 16.55
N ARG A 48 19.95 -42.67 17.08
CA ARG A 48 18.74 -43.34 16.58
C ARG A 48 18.10 -42.59 15.41
N ASN A 49 17.69 -41.35 15.66
CA ASN A 49 17.06 -40.54 14.62
C ASN A 49 18.09 -39.92 13.68
N ALA A 50 19.01 -40.76 13.18
CA ALA A 50 20.08 -40.30 12.29
C ALA A 50 20.30 -41.20 11.08
N GLU A 51 20.78 -40.61 9.99
CA GLU A 51 21.08 -41.33 8.76
C GLU A 51 22.38 -40.77 8.23
N TYR A 52 23.26 -41.64 7.77
CA TYR A 52 24.55 -41.22 7.27
C TYR A 52 25.02 -42.06 6.10
N ASN A 53 25.03 -41.47 4.92
CA ASN A 53 25.49 -42.15 3.72
C ASN A 53 26.55 -41.25 3.12
N PRO A 54 27.80 -41.43 3.54
CA PRO A 54 28.91 -40.62 3.04
C PRO A 54 29.03 -40.54 1.52
N LYS A 55 28.71 -41.63 0.82
CA LYS A 55 28.80 -41.65 -0.64
C LYS A 55 27.80 -40.72 -1.28
N ARG A 56 26.77 -40.37 -0.52
CA ARG A 56 25.71 -39.50 -0.99
C ARG A 56 25.98 -38.06 -0.53
N PHE A 57 26.27 -37.90 0.75
CA PHE A 57 26.53 -36.58 1.31
C PHE A 57 27.40 -36.76 2.55
N ALA A 58 28.39 -35.90 2.71
CA ALA A 58 29.31 -35.99 3.83
C ALA A 58 28.77 -35.42 5.13
N ALA A 59 27.64 -35.92 5.59
CA ALA A 59 27.07 -35.42 6.84
C ALA A 59 26.05 -36.39 7.40
N VAL A 60 25.91 -36.37 8.72
CA VAL A 60 24.92 -37.20 9.38
C VAL A 60 23.68 -36.31 9.37
N ILE A 61 22.54 -36.89 9.03
CA ILE A 61 21.29 -36.15 8.97
C ILE A 61 20.46 -36.58 10.17
N MET A 62 20.21 -35.62 11.05
CA MET A 62 19.47 -35.86 12.27
C MET A 62 18.21 -35.00 12.29
N ARG A 63 17.21 -35.40 13.05
CA ARG A 63 15.96 -34.65 13.13
C ARG A 63 15.35 -34.75 14.53
N ILE A 64 14.62 -33.71 14.94
CA ILE A 64 13.93 -33.71 16.23
C ILE A 64 12.52 -33.20 15.98
N ARG A 65 11.57 -33.65 16.79
CA ARG A 65 10.16 -33.29 16.65
C ARG A 65 9.82 -31.87 17.03
N GLU A 66 10.39 -31.38 18.11
CA GLU A 66 10.11 -30.04 18.60
C GLU A 66 11.39 -29.39 19.07
N PRO A 67 11.81 -28.29 18.42
CA PRO A 67 11.12 -27.69 17.28
C PRO A 67 11.37 -28.62 16.09
N LYS A 68 10.39 -28.76 15.20
CA LYS A 68 10.56 -29.65 14.05
C LYS A 68 11.66 -29.12 13.11
N THR A 69 12.82 -29.77 13.15
CA THR A 69 13.95 -29.35 12.34
C THR A 69 14.80 -30.53 11.87
N THR A 70 15.79 -30.24 11.03
CA THR A 70 16.71 -31.24 10.53
C THR A 70 18.09 -30.62 10.60
N ALA A 71 19.05 -31.35 11.12
CA ALA A 71 20.42 -30.87 11.23
C ALA A 71 21.34 -31.70 10.33
N LEU A 72 22.33 -31.04 9.74
CA LEU A 72 23.29 -31.75 8.91
C LEU A 72 24.51 -31.57 9.76
N ILE A 73 25.03 -32.67 10.29
CA ILE A 73 26.18 -32.66 11.17
C ILE A 73 27.41 -33.15 10.41
N PHE A 74 28.46 -32.33 10.38
CA PHE A 74 29.67 -32.69 9.66
C PHE A 74 30.82 -33.09 10.59
N ALA A 75 31.75 -33.89 10.07
CA ALA A 75 32.90 -34.37 10.84
C ALA A 75 33.70 -33.22 11.45
N SER A 76 33.69 -32.09 10.76
CA SER A 76 34.39 -30.89 11.19
C SER A 76 33.82 -30.29 12.47
N GLY A 77 32.63 -30.74 12.86
CA GLY A 77 32.01 -30.18 14.04
C GLY A 77 31.04 -29.07 13.66
N LYS A 78 31.02 -28.71 12.39
CA LYS A 78 30.12 -27.68 11.87
C LYS A 78 28.74 -28.32 11.78
N MET A 79 27.70 -27.48 11.82
CA MET A 79 26.33 -28.00 11.75
C MET A 79 25.34 -27.03 11.13
N VAL A 80 24.47 -27.55 10.28
CA VAL A 80 23.42 -26.77 9.62
C VAL A 80 22.09 -27.19 10.24
N CYS A 81 21.22 -26.23 10.51
CA CYS A 81 19.91 -26.51 11.09
C CYS A 81 18.88 -25.88 10.15
N THR A 82 17.90 -26.65 9.72
CA THR A 82 16.87 -26.15 8.78
C THR A 82 15.48 -26.56 9.24
N GLY A 83 14.46 -25.86 8.76
CA GLY A 83 13.11 -26.22 9.11
C GLY A 83 12.40 -25.45 10.20
N ALA A 84 13.13 -24.74 11.06
CA ALA A 84 12.47 -24.00 12.13
C ALA A 84 11.61 -22.87 11.59
N LYS A 85 10.54 -22.52 12.30
CA LYS A 85 9.64 -21.46 11.90
C LYS A 85 10.05 -20.09 12.39
N SER A 86 11.06 -20.04 13.25
CA SER A 86 11.54 -18.76 13.77
C SER A 86 13.02 -18.87 14.06
N GLU A 87 13.63 -17.73 14.38
CA GLU A 87 15.06 -17.68 14.67
C GLU A 87 15.33 -18.31 16.03
N ASP A 88 14.51 -17.96 17.02
CA ASP A 88 14.68 -18.52 18.35
C ASP A 88 14.55 -20.02 18.28
N PHE A 89 13.52 -20.48 17.58
CA PHE A 89 13.29 -21.91 17.41
C PHE A 89 14.49 -22.58 16.75
N SER A 90 15.15 -21.89 15.84
CA SER A 90 16.31 -22.43 15.18
C SER A 90 17.50 -22.54 16.16
N LYS A 91 17.69 -21.53 16.99
CA LYS A 91 18.79 -21.54 17.97
C LYS A 91 18.55 -22.66 18.97
N MET A 92 17.29 -22.77 19.37
CA MET A 92 16.79 -23.75 20.31
C MET A 92 17.03 -25.18 19.79
N ALA A 93 16.61 -25.44 18.55
CA ALA A 93 16.78 -26.75 17.97
C ALA A 93 18.27 -27.06 17.80
N ALA A 94 19.04 -26.04 17.44
CA ALA A 94 20.48 -26.18 17.25
C ALA A 94 21.14 -26.62 18.56
N ARG A 95 20.64 -26.10 19.67
CA ARG A 95 21.15 -26.42 20.99
C ARG A 95 20.76 -27.84 21.41
N LYS A 96 19.55 -28.27 21.04
CA LYS A 96 19.15 -29.63 21.37
C LYS A 96 20.05 -30.64 20.62
N TYR A 97 20.42 -30.31 19.39
CA TYR A 97 21.29 -31.17 18.60
C TYR A 97 22.68 -31.20 19.19
N ALA A 98 23.19 -30.03 19.60
CA ALA A 98 24.52 -29.95 20.18
C ALA A 98 24.58 -30.81 21.44
N ARG A 99 23.52 -30.78 22.23
CA ARG A 99 23.44 -31.56 23.47
C ARG A 99 23.33 -33.06 23.18
N ILE A 100 22.72 -33.43 22.06
CA ILE A 100 22.60 -34.83 21.66
C ILE A 100 24.02 -35.31 21.40
N VAL A 101 24.77 -34.50 20.65
CA VAL A 101 26.16 -34.83 20.32
C VAL A 101 27.00 -34.87 21.61
N GLN A 102 26.73 -33.94 22.52
CA GLN A 102 27.42 -33.92 23.80
C GLN A 102 27.16 -35.23 24.51
N LYS A 103 25.88 -35.62 24.59
CA LYS A 103 25.48 -36.86 25.24
C LYS A 103 25.97 -38.09 24.51
N LEU A 104 26.54 -37.88 23.32
CA LEU A 104 27.07 -38.98 22.54
C LEU A 104 28.55 -39.13 22.84
N GLY A 105 29.07 -38.26 23.70
CA GLY A 105 30.47 -38.35 24.09
C GLY A 105 31.47 -37.36 23.54
N PHE A 106 31.04 -36.41 22.71
CA PHE A 106 31.97 -35.44 22.14
C PHE A 106 31.85 -34.13 22.88
N PRO A 107 32.99 -33.47 23.19
CA PRO A 107 32.99 -32.20 23.91
C PRO A 107 32.44 -31.07 23.01
N ALA A 108 31.15 -31.12 22.74
CA ALA A 108 30.48 -30.16 21.86
C ALA A 108 30.19 -28.83 22.55
N LYS A 109 30.54 -27.75 21.85
CA LYS A 109 30.30 -26.39 22.31
C LYS A 109 29.19 -25.84 21.40
N PHE A 110 28.99 -24.53 21.44
CA PHE A 110 27.98 -23.88 20.62
C PHE A 110 28.61 -22.56 20.22
N LYS A 111 29.50 -22.64 19.24
CA LYS A 111 30.25 -21.49 18.77
C LYS A 111 29.76 -20.83 17.47
N ASP A 112 29.60 -19.52 17.52
CA ASP A 112 29.20 -18.74 16.35
C ASP A 112 27.87 -19.16 15.72
N PHE A 113 26.81 -19.21 16.50
CA PHE A 113 25.51 -19.56 15.94
C PHE A 113 25.10 -18.42 15.04
N LYS A 114 24.71 -18.72 13.81
CA LYS A 114 24.30 -17.66 12.90
C LYS A 114 23.15 -18.05 12.03
N ILE A 115 22.19 -17.14 11.89
CA ILE A 115 21.03 -17.33 11.01
C ILE A 115 21.54 -17.04 9.59
N GLN A 116 21.39 -18.00 8.69
CA GLN A 116 21.88 -17.88 7.32
C GLN A 116 20.84 -17.56 6.25
N ASN A 117 19.58 -17.92 6.50
CA ASN A 117 18.53 -17.66 5.53
C ASN A 117 17.19 -17.77 6.22
N ILE A 118 16.32 -16.80 5.98
CA ILE A 118 14.98 -16.81 6.55
C ILE A 118 14.07 -16.83 5.33
N VAL A 119 13.08 -17.72 5.36
CA VAL A 119 12.14 -17.84 4.26
C VAL A 119 10.75 -17.44 4.76
N GLY A 120 10.08 -16.52 4.07
CA GLY A 120 8.76 -16.11 4.53
C GLY A 120 7.82 -16.07 3.35
N SER A 121 6.51 -15.99 3.60
CA SER A 121 5.52 -15.93 2.55
C SER A 121 4.26 -15.24 3.04
N CYS A 122 3.52 -14.64 2.11
CA CYS A 122 2.26 -14.00 2.45
C CYS A 122 1.30 -13.94 1.26
N ASP A 123 0.08 -13.51 1.51
CA ASP A 123 -0.96 -13.48 0.51
C ASP A 123 -1.53 -12.08 0.47
N VAL A 124 -1.31 -11.35 -0.63
CA VAL A 124 -1.84 -9.99 -0.76
C VAL A 124 -3.34 -10.04 -1.04
N LYS A 125 -3.83 -11.23 -1.34
CA LYS A 125 -5.25 -11.45 -1.57
C LYS A 125 -5.84 -10.83 -2.84
N PHE A 126 -4.99 -10.65 -3.85
CA PHE A 126 -5.42 -10.16 -5.16
C PHE A 126 -4.42 -10.67 -6.19
N PRO A 127 -4.90 -11.04 -7.38
CA PRO A 127 -4.03 -11.54 -8.46
C PRO A 127 -3.15 -10.45 -9.10
N ILE A 128 -2.00 -10.87 -9.61
CA ILE A 128 -1.02 -9.98 -10.21
C ILE A 128 -0.85 -10.19 -11.70
N ARG A 129 -0.67 -9.10 -12.44
CA ARG A 129 -0.42 -9.12 -13.87
C ARG A 129 1.09 -9.30 -13.94
N LEU A 130 1.56 -10.53 -13.77
CA LEU A 130 2.98 -10.82 -13.76
C LEU A 130 3.77 -10.32 -14.95
N GLU A 131 3.20 -10.40 -16.15
CA GLU A 131 3.89 -9.96 -17.36
C GLU A 131 4.10 -8.45 -17.36
N GLY A 132 3.11 -7.71 -16.88
CA GLY A 132 3.25 -6.27 -16.82
C GLY A 132 4.27 -5.87 -15.76
N LEU A 133 4.22 -6.55 -14.62
CA LEU A 133 5.17 -6.25 -13.56
C LEU A 133 6.56 -6.53 -14.10
N ALA A 134 6.72 -7.65 -14.78
CA ALA A 134 7.99 -8.05 -15.35
C ALA A 134 8.48 -7.02 -16.35
N TYR A 135 7.59 -6.65 -17.28
CA TYR A 135 7.92 -5.69 -18.33
C TYR A 135 8.28 -4.32 -17.77
N SER A 136 7.60 -3.90 -16.72
CA SER A 136 7.88 -2.60 -16.14
C SER A 136 9.13 -2.60 -15.27
N HIS A 137 9.58 -3.79 -14.87
CA HIS A 137 10.76 -3.92 -14.02
C HIS A 137 11.70 -5.00 -14.53
N ALA A 138 12.09 -4.91 -15.79
CA ALA A 138 12.98 -5.91 -16.38
C ALA A 138 14.28 -6.05 -15.61
N ALA A 139 14.85 -4.94 -15.18
CA ALA A 139 16.10 -4.94 -14.45
C ALA A 139 16.12 -5.84 -13.19
N PHE A 140 14.96 -6.09 -12.60
CA PHE A 140 14.87 -6.90 -11.39
C PHE A 140 14.14 -8.21 -11.58
N SER A 141 13.40 -8.34 -12.68
CA SER A 141 12.57 -9.49 -12.90
C SER A 141 13.04 -10.56 -13.87
N SER A 142 12.59 -11.78 -13.62
CA SER A 142 12.85 -12.94 -14.46
C SER A 142 11.52 -13.68 -14.42
N TYR A 143 10.75 -13.59 -15.49
CA TYR A 143 9.46 -14.26 -15.56
C TYR A 143 9.42 -15.08 -16.85
N GLU A 144 9.49 -16.39 -16.73
CA GLU A 144 9.45 -17.32 -17.85
C GLU A 144 8.49 -18.38 -17.35
N PRO A 145 7.19 -18.10 -17.44
CA PRO A 145 6.12 -18.99 -16.99
C PRO A 145 6.22 -20.44 -17.44
N GLU A 146 6.84 -20.67 -18.60
CA GLU A 146 6.99 -22.03 -19.10
C GLU A 146 8.03 -22.82 -18.31
N LEU A 147 8.92 -22.12 -17.62
CA LEU A 147 9.94 -22.74 -16.79
C LEU A 147 9.48 -22.81 -15.32
N PHE A 148 9.01 -21.68 -14.80
CA PHE A 148 8.53 -21.59 -13.42
C PHE A 148 7.40 -20.56 -13.47
N PRO A 149 6.21 -20.93 -12.97
CA PRO A 149 5.05 -20.03 -12.98
C PRO A 149 5.17 -18.75 -12.15
N GLY A 150 6.26 -18.60 -11.41
CA GLY A 150 6.39 -17.40 -10.61
C GLY A 150 7.37 -16.41 -11.20
N LEU A 151 7.19 -15.15 -10.85
CA LEU A 151 8.08 -14.10 -11.31
C LEU A 151 9.20 -14.02 -10.27
N ILE A 152 10.43 -14.04 -10.73
CA ILE A 152 11.57 -13.96 -9.84
C ILE A 152 11.99 -12.50 -9.76
N TYR A 153 11.84 -11.91 -8.58
CA TYR A 153 12.17 -10.52 -8.38
C TYR A 153 13.35 -10.36 -7.44
N ARG A 154 14.48 -9.97 -7.99
CA ARG A 154 15.69 -9.78 -7.20
C ARG A 154 15.81 -8.34 -6.77
N MET A 155 15.35 -8.07 -5.54
CA MET A 155 15.37 -6.75 -4.95
C MET A 155 16.81 -6.37 -4.56
N LYS A 156 17.15 -5.10 -4.77
CA LYS A 156 18.48 -4.62 -4.47
C LYS A 156 18.63 -4.10 -3.04
N VAL A 157 17.56 -3.51 -2.52
CA VAL A 157 17.58 -3.00 -1.16
C VAL A 157 16.26 -3.32 -0.49
N PRO A 158 16.27 -4.31 0.42
CA PRO A 158 17.50 -5.05 0.73
C PRO A 158 17.71 -6.13 -0.34
N LYS A 159 18.87 -6.79 -0.32
CA LYS A 159 19.13 -7.85 -1.30
C LYS A 159 18.27 -9.03 -0.93
N ILE A 160 17.07 -9.05 -1.47
CA ILE A 160 16.10 -10.10 -1.18
C ILE A 160 15.46 -10.56 -2.47
N VAL A 161 15.17 -11.86 -2.55
CA VAL A 161 14.53 -12.41 -3.75
C VAL A 161 13.07 -12.75 -3.41
N LEU A 162 12.17 -12.26 -4.25
CA LEU A 162 10.75 -12.49 -4.07
C LEU A 162 10.22 -13.35 -5.20
N LEU A 163 9.34 -14.28 -4.86
CA LEU A 163 8.72 -15.13 -5.85
C LEU A 163 7.28 -14.64 -5.82
N ILE A 164 6.87 -14.01 -6.92
CA ILE A 164 5.55 -13.42 -7.07
C ILE A 164 4.68 -14.29 -7.95
N PHE A 165 3.50 -14.64 -7.47
CA PHE A 165 2.59 -15.49 -8.23
C PHE A 165 1.33 -14.76 -8.66
N VAL A 166 0.67 -15.30 -9.69
CA VAL A 166 -0.56 -14.71 -10.22
C VAL A 166 -1.63 -14.70 -9.16
N SER A 167 -1.60 -15.69 -8.29
CA SER A 167 -2.57 -15.82 -7.21
C SER A 167 -2.49 -14.74 -6.13
N GLY A 168 -1.38 -14.01 -6.09
CA GLY A 168 -1.21 -13.00 -5.06
C GLY A 168 -0.41 -13.58 -3.89
N LYS A 169 0.06 -14.81 -4.05
CA LYS A 169 0.88 -15.47 -3.05
C LYS A 169 2.33 -15.01 -3.32
N ILE A 170 3.06 -14.67 -2.27
CA ILE A 170 4.42 -14.17 -2.38
C ILE A 170 5.37 -14.95 -1.47
N VAL A 171 6.57 -15.22 -1.95
CA VAL A 171 7.59 -15.90 -1.16
C VAL A 171 8.77 -14.93 -1.13
N ILE A 172 9.23 -14.58 0.07
CA ILE A 172 10.35 -13.66 0.26
C ILE A 172 11.47 -14.52 0.82
N THR A 173 12.62 -14.54 0.17
CA THR A 173 13.70 -15.35 0.68
C THR A 173 15.08 -14.68 0.61
N GLY A 174 16.04 -15.26 1.32
CA GLY A 174 17.39 -14.71 1.32
C GLY A 174 17.69 -13.78 2.48
N ALA A 175 16.72 -13.55 3.36
CA ALA A 175 16.95 -12.66 4.50
C ALA A 175 17.74 -13.34 5.61
N LYS A 176 18.51 -12.54 6.34
CA LYS A 176 19.29 -13.03 7.46
C LYS A 176 18.80 -12.33 8.72
N MET A 177 17.87 -11.41 8.55
CA MET A 177 17.23 -10.64 9.62
C MET A 177 15.78 -10.59 9.16
N ARG A 178 14.82 -10.80 10.05
CA ARG A 178 13.41 -10.79 9.65
C ARG A 178 12.90 -9.44 9.14
N ASP A 179 13.56 -8.37 9.54
CA ASP A 179 13.15 -7.06 9.09
C ASP A 179 13.41 -6.89 7.61
N GLU A 180 14.33 -7.68 7.06
CA GLU A 180 14.64 -7.61 5.64
C GLU A 180 13.46 -8.23 4.90
N THR A 181 12.87 -9.24 5.51
CA THR A 181 11.70 -9.93 4.97
C THR A 181 10.52 -8.96 4.95
N TYR A 182 10.30 -8.29 6.06
CA TYR A 182 9.20 -7.33 6.19
C TYR A 182 9.41 -6.12 5.29
N LYS A 183 10.62 -5.59 5.29
CA LYS A 183 10.97 -4.43 4.48
C LYS A 183 10.76 -4.71 3.00
N ALA A 184 11.27 -5.84 2.51
CA ALA A 184 11.13 -6.27 1.12
C ALA A 184 9.66 -6.35 0.70
N PHE A 185 8.83 -6.93 1.56
CA PHE A 185 7.41 -7.04 1.29
C PHE A 185 6.73 -5.67 1.27
N GLU A 186 7.15 -4.76 2.15
CA GLU A 186 6.57 -3.44 2.19
C GLU A 186 6.93 -2.66 0.92
N ASN A 187 8.17 -2.81 0.46
CA ASN A 187 8.66 -2.16 -0.75
C ASN A 187 7.92 -2.68 -1.99
N ILE A 188 7.71 -3.99 -2.04
CA ILE A 188 7.04 -4.61 -3.19
C ILE A 188 5.53 -4.43 -3.18
N TYR A 189 4.95 -4.21 -2.00
CA TYR A 189 3.51 -4.09 -1.92
C TYR A 189 2.87 -3.08 -2.88
N PRO A 190 3.32 -1.82 -2.87
CA PRO A 190 2.71 -0.86 -3.80
C PRO A 190 2.92 -1.23 -5.27
N VAL A 191 3.96 -2.01 -5.53
CA VAL A 191 4.26 -2.48 -6.88
C VAL A 191 3.25 -3.54 -7.29
N LEU A 192 2.95 -4.47 -6.40
CA LEU A 192 2.00 -5.54 -6.70
C LEU A 192 0.62 -4.93 -6.96
N SER A 193 0.29 -3.89 -6.20
CA SER A 193 -0.98 -3.17 -6.30
C SER A 193 -1.11 -2.51 -7.66
N GLU A 194 -0.01 -1.90 -8.10
CA GLU A 194 0.04 -1.24 -9.38
C GLU A 194 -0.28 -2.22 -10.51
N PHE A 195 0.08 -3.48 -10.32
CA PHE A 195 -0.17 -4.47 -11.35
C PHE A 195 -1.17 -5.52 -10.95
N ARG A 196 -2.20 -5.10 -10.23
CA ARG A 196 -3.27 -6.00 -9.80
C ARG A 196 -4.04 -6.35 -11.06
N LYS A 197 -4.44 -7.61 -11.17
CA LYS A 197 -5.17 -8.08 -12.33
C LYS A 197 -6.64 -7.83 -12.08
N ILE A 198 -7.31 -7.19 -13.02
CA ILE A 198 -8.74 -6.88 -12.86
C ILE A 198 -9.69 -7.73 -13.73
N VAL B 12 2.46 6.71 4.36
CA VAL B 12 1.18 6.37 3.66
C VAL B 12 0.56 5.07 4.20
N ASP B 13 -0.71 5.13 4.54
CA ASP B 13 -1.42 3.97 5.05
C ASP B 13 -1.76 3.08 3.86
N LEU B 14 -0.90 2.10 3.60
CA LEU B 14 -1.10 1.18 2.47
C LEU B 14 -2.38 0.37 2.56
N SER B 15 -2.96 0.30 3.75
CA SER B 15 -4.20 -0.44 3.94
C SER B 15 -5.34 0.27 3.20
N LYS B 16 -5.28 1.61 3.18
CA LYS B 16 -6.28 2.44 2.51
C LYS B 16 -5.77 2.96 1.16
N HIS B 17 -4.46 2.91 0.99
CA HIS B 17 -3.85 3.36 -0.24
C HIS B 17 -2.78 2.37 -0.70
N PRO B 18 -3.19 1.17 -1.15
CA PRO B 18 -2.33 0.08 -1.64
C PRO B 18 -1.31 0.53 -2.69
N SER B 19 -1.73 1.50 -3.50
CA SER B 19 -0.89 2.09 -4.54
C SER B 19 0.28 2.82 -3.91
N GLY B 20 0.05 3.28 -2.68
CA GLY B 20 1.05 4.05 -1.98
C GLY B 20 0.94 5.51 -2.34
N ILE B 21 -0.07 5.86 -3.15
CA ILE B 21 -0.29 7.22 -3.60
C ILE B 21 -1.58 7.77 -3.03
N VAL B 22 -1.50 8.97 -2.45
CA VAL B 22 -2.66 9.61 -1.82
C VAL B 22 -3.05 10.87 -2.59
N PRO B 23 -4.24 10.86 -3.23
CA PRO B 23 -4.69 12.03 -3.98
C PRO B 23 -4.77 13.24 -3.04
N THR B 24 -4.43 14.42 -3.55
CA THR B 24 -4.48 15.66 -2.78
C THR B 24 -5.85 16.30 -2.97
N LEU B 25 -6.53 16.64 -1.86
CA LEU B 25 -7.83 17.30 -1.96
C LEU B 25 -7.53 18.74 -2.33
N GLN B 26 -8.14 19.22 -3.41
CA GLN B 26 -7.90 20.56 -3.96
C GLN B 26 -9.00 21.60 -3.81
N ASN B 27 -10.24 21.15 -3.64
CA ASN B 27 -11.38 22.05 -3.53
C ASN B 27 -12.52 21.29 -2.89
N ILE B 28 -13.19 21.95 -1.96
CA ILE B 28 -14.33 21.35 -1.27
C ILE B 28 -15.49 22.32 -1.41
N VAL B 29 -16.64 21.82 -1.85
CA VAL B 29 -17.84 22.61 -2.01
C VAL B 29 -18.79 22.06 -0.94
N SER B 30 -19.40 22.94 -0.17
CA SER B 30 -20.32 22.53 0.87
C SER B 30 -21.44 23.54 0.95
N THR B 31 -22.54 23.17 1.59
CA THR B 31 -23.65 24.09 1.74
C THR B 31 -24.13 24.02 3.18
N VAL B 32 -24.79 25.08 3.62
CA VAL B 32 -25.35 25.11 4.96
C VAL B 32 -26.57 25.99 4.89
N ASN B 33 -27.51 25.74 5.80
CA ASN B 33 -28.76 26.49 5.88
C ASN B 33 -28.70 27.41 7.11
N LEU B 34 -28.51 28.70 6.87
CA LEU B 34 -28.44 29.66 7.96
C LEU B 34 -29.80 29.70 8.64
N ASP B 35 -30.81 29.16 7.97
CA ASP B 35 -32.14 29.06 8.56
C ASP B 35 -32.70 30.40 9.01
N CYS B 36 -32.74 31.34 8.08
CA CYS B 36 -33.30 32.67 8.33
C CYS B 36 -33.22 33.42 7.01
N LYS B 37 -34.26 34.20 6.71
CA LYS B 37 -34.32 34.96 5.46
C LYS B 37 -33.31 36.10 5.55
N LEU B 38 -32.63 36.40 4.45
CA LEU B 38 -31.63 37.46 4.48
C LEU B 38 -31.98 38.59 3.55
N ASP B 39 -31.46 39.77 3.85
CA ASP B 39 -31.69 40.97 3.05
C ASP B 39 -30.37 41.19 2.34
N LEU B 40 -30.29 40.73 1.10
CA LEU B 40 -29.07 40.82 0.34
C LEU B 40 -28.60 42.26 0.06
N LYS B 41 -29.54 43.17 -0.15
CA LYS B 41 -29.17 44.57 -0.40
C LYS B 41 -28.53 45.11 0.86
N ALA B 42 -29.14 44.79 2.00
CA ALA B 42 -28.65 45.22 3.30
C ALA B 42 -27.28 44.64 3.58
N ILE B 43 -27.11 43.34 3.34
CA ILE B 43 -25.83 42.67 3.58
C ILE B 43 -24.72 43.32 2.75
N ALA B 44 -24.97 43.47 1.45
CA ALA B 44 -23.99 44.08 0.55
C ALA B 44 -23.71 45.54 0.92
N LEU B 45 -24.70 46.22 1.52
CA LEU B 45 -24.52 47.61 1.93
C LEU B 45 -23.61 47.66 3.16
N GLN B 46 -24.02 46.98 4.21
CA GLN B 46 -23.28 46.94 5.46
C GLN B 46 -21.91 46.28 5.30
N ALA B 47 -21.75 45.51 4.24
CA ALA B 47 -20.48 44.83 3.95
C ALA B 47 -20.06 45.19 2.52
N ARG B 48 -19.55 46.40 2.34
CA ARG B 48 -19.12 46.92 1.04
C ARG B 48 -18.18 46.00 0.27
N ASN B 49 -17.53 45.10 1.00
CA ASN B 49 -16.58 44.13 0.45
C ASN B 49 -17.28 42.91 -0.15
N ALA B 50 -18.60 42.85 -0.01
CA ALA B 50 -19.38 41.75 -0.55
C ALA B 50 -19.83 42.18 -1.94
N GLU B 51 -19.86 41.24 -2.88
CA GLU B 51 -20.31 41.52 -4.24
C GLU B 51 -21.75 41.12 -4.37
N TYR B 52 -22.57 42.00 -4.92
CA TYR B 52 -23.98 41.68 -5.10
C TYR B 52 -24.54 42.27 -6.40
N ASN B 53 -24.68 41.42 -7.40
CA ASN B 53 -25.24 41.85 -8.67
C ASN B 53 -26.38 40.90 -9.01
N PRO B 54 -27.58 41.19 -8.51
CA PRO B 54 -28.77 40.39 -8.74
C PRO B 54 -29.12 40.24 -10.23
N LYS B 55 -28.66 41.17 -11.05
CA LYS B 55 -28.91 41.07 -12.47
C LYS B 55 -28.05 39.94 -13.01
N ARG B 56 -26.90 39.75 -12.35
CA ARG B 56 -25.93 38.73 -12.74
C ARG B 56 -26.17 37.40 -12.01
N PHE B 57 -26.20 37.42 -10.67
CA PHE B 57 -26.42 36.21 -9.90
C PHE B 57 -27.22 36.58 -8.66
N ALA B 58 -28.12 35.69 -8.27
CA ALA B 58 -29.00 35.89 -7.13
C ALA B 58 -28.38 35.71 -5.74
N ALA B 59 -27.07 35.89 -5.61
CA ALA B 59 -26.44 35.72 -4.32
C ALA B 59 -25.40 36.80 -4.04
N VAL B 60 -25.09 36.99 -2.77
CA VAL B 60 -24.05 37.91 -2.32
C VAL B 60 -22.77 37.05 -2.32
N ILE B 61 -21.73 37.51 -3.03
CA ILE B 61 -20.46 36.80 -3.11
C ILE B 61 -19.60 37.39 -2.00
N MET B 62 -19.07 36.55 -1.14
CA MET B 62 -18.26 37.02 -0.02
C MET B 62 -17.03 36.12 0.07
N ARG B 63 -15.89 36.66 0.44
CA ARG B 63 -14.68 35.86 0.55
C ARG B 63 -13.90 36.16 1.84
N ILE B 64 -13.25 35.14 2.39
CA ILE B 64 -12.42 35.31 3.58
C ILE B 64 -11.05 34.72 3.25
N ARG B 65 -10.01 35.15 3.96
CA ARG B 65 -8.64 34.70 3.71
C ARG B 65 -8.25 33.37 4.35
N GLU B 66 -8.85 33.03 5.48
CA GLU B 66 -8.49 31.80 6.16
C GLU B 66 -9.68 31.19 6.89
N PRO B 67 -10.13 30.01 6.42
CA PRO B 67 -9.58 29.27 5.28
C PRO B 67 -9.95 30.03 4.03
N LYS B 68 -9.05 30.10 3.05
CA LYS B 68 -9.35 30.85 1.84
C LYS B 68 -10.52 30.23 1.07
N THR B 69 -11.67 30.87 1.14
CA THR B 69 -12.87 30.38 0.46
C THR B 69 -13.75 31.52 -0.06
N THR B 70 -14.77 31.15 -0.81
CA THR B 70 -15.75 32.09 -1.36
C THR B 70 -17.10 31.49 -0.97
N ALA B 71 -18.02 32.33 -0.50
CA ALA B 71 -19.35 31.88 -0.11
C ALA B 71 -20.35 32.56 -1.02
N LEU B 72 -21.47 31.89 -1.27
CA LEU B 72 -22.53 32.46 -2.08
C LEU B 72 -23.68 32.48 -1.09
N ILE B 73 -24.13 33.67 -0.74
CA ILE B 73 -25.23 33.86 0.22
C ILE B 73 -26.54 34.26 -0.43
N PHE B 74 -27.57 33.46 -0.20
CA PHE B 74 -28.90 33.68 -0.79
C PHE B 74 -29.93 34.20 0.19
N ALA B 75 -30.94 34.90 -0.32
CA ALA B 75 -32.01 35.47 0.51
C ALA B 75 -32.72 34.38 1.32
N SER B 76 -32.70 33.16 0.80
CA SER B 76 -33.33 32.03 1.45
C SER B 76 -32.62 31.67 2.76
N GLY B 77 -31.39 32.15 2.92
CA GLY B 77 -30.61 31.82 4.11
C GLY B 77 -29.67 30.65 3.85
N LYS B 78 -29.83 30.02 2.69
CA LYS B 78 -28.98 28.91 2.28
C LYS B 78 -27.65 29.50 1.82
N MET B 79 -26.56 28.75 1.99
CA MET B 79 -25.27 29.25 1.58
C MET B 79 -24.38 28.17 0.97
N VAL B 80 -23.62 28.54 -0.05
CA VAL B 80 -22.69 27.64 -0.71
C VAL B 80 -21.29 28.10 -0.34
N CYS B 81 -20.42 27.16 0.02
CA CYS B 81 -19.05 27.47 0.41
C CYS B 81 -18.11 26.68 -0.49
N THR B 82 -17.22 27.37 -1.19
CA THR B 82 -16.27 26.76 -2.13
C THR B 82 -14.82 27.18 -1.90
N GLY B 83 -13.88 26.36 -2.38
CA GLY B 83 -12.47 26.72 -2.25
C GLY B 83 -11.63 26.10 -1.17
N ALA B 84 -12.23 25.59 -0.10
CA ALA B 84 -11.46 24.98 0.97
C ALA B 84 -10.69 23.74 0.51
N LYS B 85 -9.60 23.44 1.19
CA LYS B 85 -8.76 22.31 0.85
C LYS B 85 -9.14 21.02 1.60
N SER B 86 -10.07 21.12 2.53
CA SER B 86 -10.53 19.94 3.26
C SER B 86 -11.91 20.19 3.82
N GLU B 87 -12.51 19.14 4.33
CA GLU B 87 -13.85 19.17 4.88
C GLU B 87 -13.89 20.01 6.15
N ASP B 88 -12.90 19.82 7.02
CA ASP B 88 -12.85 20.57 8.25
C ASP B 88 -12.74 22.06 7.96
N PHE B 89 -11.85 22.40 7.03
CA PHE B 89 -11.63 23.77 6.60
C PHE B 89 -12.91 24.34 5.99
N SER B 90 -13.54 23.57 5.10
CA SER B 90 -14.78 24.03 4.49
C SER B 90 -15.84 24.30 5.57
N LYS B 91 -15.89 23.47 6.61
CA LYS B 91 -16.90 23.71 7.65
C LYS B 91 -16.59 24.95 8.48
N MET B 92 -15.30 25.14 8.80
CA MET B 92 -14.83 26.29 9.58
C MET B 92 -15.13 27.58 8.84
N ALA B 93 -14.80 27.59 7.54
CA ALA B 93 -15.07 28.75 6.70
C ALA B 93 -16.58 29.03 6.68
N ALA B 94 -17.39 27.98 6.55
CA ALA B 94 -18.84 28.13 6.52
C ALA B 94 -19.37 28.79 7.79
N ARG B 95 -18.79 28.42 8.94
CA ARG B 95 -19.20 28.98 10.23
C ARG B 95 -18.82 30.45 10.37
N LYS B 96 -17.66 30.82 9.85
CA LYS B 96 -17.23 32.21 9.90
C LYS B 96 -18.21 33.08 9.12
N TYR B 97 -18.72 32.56 7.99
CA TYR B 97 -19.69 33.30 7.18
C TYR B 97 -21.00 33.39 7.93
N ALA B 98 -21.36 32.33 8.65
CA ALA B 98 -22.59 32.33 9.45
C ALA B 98 -22.48 33.41 10.54
N ARG B 99 -21.27 33.58 11.05
CA ARG B 99 -20.96 34.56 12.10
C ARG B 99 -20.98 35.99 11.54
N ILE B 100 -20.40 36.17 10.35
CA ILE B 100 -20.37 37.47 9.68
C ILE B 100 -21.81 37.98 9.52
N VAL B 101 -22.65 37.10 8.97
CA VAL B 101 -24.06 37.40 8.73
C VAL B 101 -24.76 37.76 10.04
N GLN B 102 -24.46 37.02 11.09
CA GLN B 102 -25.02 37.28 12.42
C GLN B 102 -24.60 38.68 12.85
N LYS B 103 -23.30 38.97 12.73
CA LYS B 103 -22.77 40.27 13.08
C LYS B 103 -23.51 41.38 12.33
N LEU B 104 -23.90 41.10 11.10
CA LEU B 104 -24.64 42.05 10.29
C LEU B 104 -26.06 42.30 10.80
N GLY B 105 -26.49 41.51 11.78
CA GLY B 105 -27.82 41.69 12.34
C GLY B 105 -28.85 40.62 12.02
N PHE B 106 -28.44 39.52 11.41
CA PHE B 106 -29.41 38.48 11.10
C PHE B 106 -29.21 37.33 12.07
N PRO B 107 -30.31 36.76 12.61
CA PRO B 107 -30.22 35.63 13.56
C PRO B 107 -29.86 34.30 12.85
N ALA B 108 -28.72 34.28 12.20
CA ALA B 108 -28.27 33.11 11.47
C ALA B 108 -27.95 31.90 12.33
N LYS B 109 -28.39 30.74 11.86
CA LYS B 109 -28.14 29.46 12.52
C LYS B 109 -27.12 28.72 11.64
N PHE B 110 -27.04 27.40 11.79
CA PHE B 110 -26.06 26.63 11.02
C PHE B 110 -26.58 25.22 10.87
N LYS B 111 -27.64 25.03 10.10
CA LYS B 111 -28.19 23.71 9.95
C LYS B 111 -27.91 23.00 8.63
N ASP B 112 -27.97 21.68 8.74
CA ASP B 112 -27.78 20.74 7.64
C ASP B 112 -26.55 21.00 6.80
N PHE B 113 -25.42 21.26 7.45
CA PHE B 113 -24.19 21.47 6.73
C PHE B 113 -23.88 20.17 5.99
N LYS B 114 -23.53 20.26 4.72
CA LYS B 114 -23.24 19.07 3.94
C LYS B 114 -22.14 19.32 2.94
N ILE B 115 -21.17 18.42 2.85
CA ILE B 115 -20.10 18.52 1.86
C ILE B 115 -20.81 18.05 0.59
N GLN B 116 -20.83 18.88 -0.44
CA GLN B 116 -21.51 18.52 -1.68
C GLN B 116 -20.62 17.99 -2.79
N ASN B 117 -19.34 18.38 -2.79
CA ASN B 117 -18.41 17.96 -3.83
C ASN B 117 -16.98 18.08 -3.33
N ILE B 118 -16.16 17.08 -3.62
CA ILE B 118 -14.75 17.07 -3.22
C ILE B 118 -13.96 16.83 -4.48
N VAL B 119 -12.97 17.68 -4.72
CA VAL B 119 -12.14 17.55 -5.91
C VAL B 119 -10.70 17.23 -5.48
N GLY B 120 -10.10 16.21 -6.07
CA GLY B 120 -8.74 15.89 -5.71
C GLY B 120 -7.94 15.68 -6.98
N SER B 121 -6.65 15.47 -6.84
CA SER B 121 -5.80 15.22 -7.98
C SER B 121 -4.59 14.42 -7.52
N CYS B 122 -3.95 13.72 -8.44
CA CYS B 122 -2.73 13.03 -8.09
C CYS B 122 -1.96 12.77 -9.36
N ASP B 123 -0.91 11.99 -9.24
CA ASP B 123 -0.02 11.72 -10.35
C ASP B 123 0.44 10.28 -10.21
N VAL B 124 0.20 9.47 -11.24
CA VAL B 124 0.60 8.06 -11.20
C VAL B 124 2.08 7.90 -11.51
N LYS B 125 2.73 9.00 -11.92
CA LYS B 125 4.15 9.00 -12.22
C LYS B 125 4.60 8.28 -13.49
N PHE B 126 3.74 8.27 -14.50
CA PHE B 126 4.07 7.65 -15.77
C PHE B 126 3.05 8.08 -16.83
N PRO B 127 3.51 8.32 -18.08
CA PRO B 127 2.69 8.75 -19.21
C PRO B 127 1.67 7.70 -19.57
N ILE B 128 0.50 8.14 -20.03
CA ILE B 128 -0.60 7.23 -20.35
C ILE B 128 -1.10 7.29 -21.79
N ARG B 129 -1.33 6.12 -22.37
CA ARG B 129 -1.85 5.95 -23.72
C ARG B 129 -3.37 6.06 -23.58
N LEU B 130 -3.87 7.28 -23.68
CA LEU B 130 -5.29 7.60 -23.54
C LEU B 130 -6.20 6.93 -24.56
N GLU B 131 -5.69 6.73 -25.77
CA GLU B 131 -6.46 6.10 -26.83
C GLU B 131 -6.80 4.65 -26.49
N GLY B 132 -5.79 3.91 -26.01
CA GLY B 132 -5.96 2.50 -25.66
C GLY B 132 -6.91 2.33 -24.50
N LEU B 133 -6.84 3.27 -23.55
CA LEU B 133 -7.70 3.28 -22.37
C LEU B 133 -9.15 3.48 -22.81
N ALA B 134 -9.39 4.53 -23.58
CA ALA B 134 -10.73 4.81 -24.07
C ALA B 134 -11.20 3.63 -24.88
N TYR B 135 -10.28 3.03 -25.62
CA TYR B 135 -10.56 1.89 -26.46
C TYR B 135 -11.12 0.72 -25.65
N SER B 136 -10.33 0.24 -24.70
CA SER B 136 -10.72 -0.89 -23.88
C SER B 136 -11.82 -0.55 -22.87
N HIS B 137 -12.05 0.74 -22.63
CA HIS B 137 -13.07 1.17 -21.68
C HIS B 137 -14.05 2.15 -22.28
N ALA B 138 -14.51 1.87 -23.49
CA ALA B 138 -15.44 2.73 -24.20
C ALA B 138 -16.66 3.14 -23.38
N ALA B 139 -17.18 2.21 -22.58
CA ALA B 139 -18.37 2.48 -21.76
C ALA B 139 -18.13 3.47 -20.64
N PHE B 140 -16.86 3.66 -20.28
CA PHE B 140 -16.50 4.58 -19.19
C PHE B 140 -15.77 5.80 -19.69
N SER B 141 -15.17 5.69 -20.86
CA SER B 141 -14.40 6.78 -21.40
C SER B 141 -15.11 7.67 -22.40
N SER B 142 -14.49 8.82 -22.60
CA SER B 142 -14.94 9.84 -23.52
C SER B 142 -13.68 10.63 -23.71
N TYR B 143 -13.01 10.38 -24.82
CA TYR B 143 -11.75 11.05 -25.12
C TYR B 143 -11.82 11.71 -26.49
N GLU B 144 -12.07 13.00 -26.50
CA GLU B 144 -12.13 13.78 -27.73
C GLU B 144 -11.03 14.82 -27.58
N PRO B 145 -9.77 14.43 -27.82
CA PRO B 145 -8.61 15.33 -27.68
C PRO B 145 -8.70 16.71 -28.30
N GLU B 146 -9.45 16.86 -29.39
CA GLU B 146 -9.59 18.15 -30.05
C GLU B 146 -10.47 19.11 -29.28
N LEU B 147 -11.34 18.56 -28.44
CA LEU B 147 -12.24 19.37 -27.63
C LEU B 147 -11.63 19.59 -26.26
N PHE B 148 -10.97 18.57 -25.73
CA PHE B 148 -10.35 18.61 -24.42
C PHE B 148 -9.20 17.58 -24.38
N PRO B 149 -8.01 17.99 -23.92
CA PRO B 149 -6.82 17.13 -23.82
C PRO B 149 -6.99 15.87 -22.98
N GLY B 150 -7.78 15.97 -21.91
CA GLY B 150 -7.96 14.83 -21.02
C GLY B 150 -9.09 13.87 -21.33
N LEU B 151 -8.90 12.64 -20.89
CA LEU B 151 -9.90 11.62 -21.08
C LEU B 151 -10.88 11.68 -19.91
N ILE B 152 -12.17 11.66 -20.20
CA ILE B 152 -13.17 11.72 -19.14
C ILE B 152 -13.64 10.30 -18.88
N TYR B 153 -13.28 9.80 -17.70
CA TYR B 153 -13.60 8.46 -17.26
C TYR B 153 -14.68 8.54 -16.20
N ARG B 154 -15.84 7.99 -16.51
CA ARG B 154 -16.96 8.00 -15.58
C ARG B 154 -17.09 6.69 -14.86
N MET B 155 -16.47 6.61 -13.69
CA MET B 155 -16.51 5.41 -12.86
C MET B 155 -17.90 5.27 -12.23
N LYS B 156 -18.43 4.04 -12.22
CA LYS B 156 -19.75 3.84 -11.65
C LYS B 156 -19.68 3.41 -10.16
N VAL B 157 -18.61 2.70 -9.80
CA VAL B 157 -18.44 2.27 -8.41
C VAL B 157 -17.04 2.53 -7.90
N PRO B 158 -16.85 3.65 -7.16
CA PRO B 158 -17.90 4.61 -6.82
C PRO B 158 -18.23 5.55 -8.00
N LYS B 159 -19.38 6.18 -7.96
CA LYS B 159 -19.78 7.06 -9.05
C LYS B 159 -18.93 8.31 -8.95
N ILE B 160 -17.79 8.27 -9.61
CA ILE B 160 -16.83 9.37 -9.59
C ILE B 160 -16.36 9.65 -10.98
N VAL B 161 -16.09 10.91 -11.29
CA VAL B 161 -15.57 11.25 -12.61
C VAL B 161 -14.06 11.54 -12.49
N LEU B 162 -13.28 10.88 -13.34
CA LEU B 162 -11.85 11.07 -13.33
C LEU B 162 -11.43 11.69 -14.67
N LEU B 163 -10.56 12.68 -14.61
CA LEU B 163 -10.05 13.33 -15.80
C LEU B 163 -8.60 12.85 -15.85
N ILE B 164 -8.30 12.05 -16.86
CA ILE B 164 -6.99 11.45 -17.02
C ILE B 164 -6.20 12.09 -18.16
N PHE B 165 -4.95 12.41 -17.87
CA PHE B 165 -4.07 13.06 -18.83
C PHE B 165 -2.85 12.21 -19.22
N VAL B 166 -2.33 12.48 -20.41
CA VAL B 166 -1.16 11.80 -20.96
C VAL B 166 0.04 11.92 -20.03
N SER B 167 0.14 13.06 -19.37
CA SER B 167 1.21 13.32 -18.43
C SER B 167 1.22 12.32 -17.28
N GLY B 168 0.04 11.85 -16.92
CA GLY B 168 -0.06 10.92 -15.81
C GLY B 168 -0.73 11.60 -14.64
N LYS B 169 -1.07 12.89 -14.81
CA LYS B 169 -1.79 13.66 -13.80
C LYS B 169 -3.26 13.24 -13.86
N ILE B 170 -3.95 13.28 -12.73
CA ILE B 170 -5.33 12.86 -12.67
C ILE B 170 -6.16 13.80 -11.78
N VAL B 171 -7.39 14.09 -12.19
CA VAL B 171 -8.28 14.90 -11.38
C VAL B 171 -9.43 13.95 -11.06
N ILE B 172 -9.85 13.92 -9.80
CA ILE B 172 -10.92 13.05 -9.36
C ILE B 172 -11.96 13.96 -8.74
N THR B 173 -13.17 13.96 -9.26
CA THR B 173 -14.18 14.85 -8.71
C THR B 173 -15.57 14.22 -8.59
N GLY B 174 -16.44 14.84 -7.80
CA GLY B 174 -17.77 14.30 -7.66
C GLY B 174 -18.00 13.55 -6.36
N ALA B 175 -16.98 13.47 -5.52
CA ALA B 175 -17.10 12.76 -4.25
C ALA B 175 -17.76 13.59 -3.15
N LYS B 176 -18.50 12.90 -2.29
CA LYS B 176 -19.18 13.49 -1.15
C LYS B 176 -18.39 13.08 0.10
N MET B 177 -17.50 12.10 -0.07
CA MET B 177 -16.68 11.60 1.02
C MET B 177 -15.32 11.38 0.43
N ARG B 178 -14.26 11.76 1.14
CA ARG B 178 -12.91 11.60 0.62
C ARG B 178 -12.54 10.15 0.31
N ASP B 179 -13.20 9.21 0.96
CA ASP B 179 -12.95 7.79 0.73
C ASP B 179 -13.30 7.38 -0.69
N GLU B 180 -14.25 8.08 -1.31
CA GLU B 180 -14.66 7.78 -2.69
C GLU B 180 -13.58 8.25 -3.65
N THR B 181 -12.92 9.34 -3.27
CA THR B 181 -11.81 9.92 -4.00
C THR B 181 -10.68 8.90 -4.02
N TYR B 182 -10.47 8.30 -2.85
CA TYR B 182 -9.43 7.30 -2.64
C TYR B 182 -9.73 6.01 -3.36
N LYS B 183 -10.97 5.54 -3.22
CA LYS B 183 -11.39 4.30 -3.86
C LYS B 183 -11.36 4.45 -5.38
N ALA B 184 -11.86 5.57 -5.87
CA ALA B 184 -11.87 5.82 -7.31
C ALA B 184 -10.44 5.71 -7.86
N PHE B 185 -9.49 6.41 -7.25
CA PHE B 185 -8.11 6.33 -7.70
C PHE B 185 -7.54 4.93 -7.61
N GLU B 186 -7.80 4.26 -6.49
CA GLU B 186 -7.29 2.92 -6.27
C GLU B 186 -7.85 1.93 -7.29
N ASN B 187 -9.07 2.20 -7.77
CA ASN B 187 -9.71 1.37 -8.78
C ASN B 187 -9.09 1.63 -10.15
N ILE B 188 -8.75 2.88 -10.44
CA ILE B 188 -8.20 3.24 -11.74
C ILE B 188 -6.70 2.98 -11.90
N TYR B 189 -5.95 3.02 -10.80
CA TYR B 189 -4.51 2.80 -10.87
C TYR B 189 -4.07 1.51 -11.59
N PRO B 190 -4.59 0.34 -11.18
CA PRO B 190 -4.16 -0.88 -11.88
C PRO B 190 -4.63 -0.93 -13.35
N VAL B 191 -5.58 -0.06 -13.71
CA VAL B 191 -6.07 -0.02 -15.09
C VAL B 191 -5.06 0.79 -15.90
N LEU B 192 -4.68 1.93 -15.34
CA LEU B 192 -3.76 2.85 -15.98
C LEU B 192 -2.38 2.27 -16.22
N SER B 193 -1.92 1.42 -15.31
CA SER B 193 -0.60 0.82 -15.47
C SER B 193 -0.59 -0.09 -16.70
N GLU B 194 -1.77 -0.53 -17.11
CA GLU B 194 -1.90 -1.38 -18.28
C GLU B 194 -1.76 -0.60 -19.58
N PHE B 195 -1.96 0.72 -19.50
CA PHE B 195 -1.84 1.59 -20.66
C PHE B 195 -0.77 2.66 -20.50
N ARG B 196 0.36 2.28 -19.92
CA ARG B 196 1.45 3.21 -19.75
C ARG B 196 1.97 3.48 -21.15
N LYS B 197 2.45 4.70 -21.39
CA LYS B 197 2.98 5.10 -22.67
C LYS B 197 4.47 4.87 -22.70
#